data_5MRN
#
_entry.id   5MRN
#
_cell.length_a   74.910
_cell.length_b   74.910
_cell.length_c   224.930
_cell.angle_alpha   90.00
_cell.angle_beta   90.00
_cell.angle_gamma   120.00
#
_symmetry.space_group_name_H-M   'H 3 2'
#
loop_
_entity.id
_entity.type
_entity.pdbx_description
1 polymer '2-C-methyl-D-erythritol 4-phosphate cytidylyltransferase, chloroplastic'
2 non-polymer 'POTASSIUM ION'
3 non-polymer 'CADMIUM ION'
4 water water
#
_entity_poly.entity_id   1
_entity_poly.type   'polypeptide(L)'
_entity_poly.pdbx_seq_one_letter_code
;MEKSVSVILLAGGQGKRMKMSMPKQYIPLLGQPIALYSFFTFSRMPEVKEIVVVCDPFFRDIFEEYEESIDVDLSFAIPG
KERQDSVYSGLQEIDVNSELVCIHDSARPLVNTEDVEKVLKDGSAVGAAVLGVPAKATIKEVNSDSLVVKTLDRKTLWEM
QTPQVIKPELLKKGFELVKSEGLAVTDDVSIVEYLKHPVYVSQGSYTNIKVTTPDDLLLAERILSEDS
;
_entity_poly.pdbx_strand_id   A
#
loop_
_chem_comp.id
_chem_comp.type
_chem_comp.name
_chem_comp.formula
CD non-polymer 'CADMIUM ION' 'Cd 2'
K non-polymer 'POTASSIUM ION' 'K 1'
#
# COMPACT_ATOMS: atom_id res chain seq x y z
N LYS A 3 4.60 18.30 -3.26
CA LYS A 3 4.89 18.73 -1.85
C LYS A 3 5.76 17.67 -1.10
N SER A 4 5.22 16.98 -0.08
CA SER A 4 6.04 16.26 0.89
C SER A 4 6.01 14.72 0.84
N VAL A 5 5.02 14.14 0.15
CA VAL A 5 4.83 12.69 0.12
C VAL A 5 5.35 12.08 -1.18
N SER A 6 6.08 10.97 -1.06
CA SER A 6 6.43 10.12 -2.20
C SER A 6 5.58 8.86 -2.17
N VAL A 7 4.88 8.57 -3.25
CA VAL A 7 4.12 7.32 -3.34
C VAL A 7 4.98 6.25 -4.01
N ILE A 8 4.94 5.05 -3.46
CA ILE A 8 5.50 3.86 -4.10
C ILE A 8 4.30 3.03 -4.50
N LEU A 9 3.99 3.00 -5.79
CA LEU A 9 2.87 2.21 -6.30
C LEU A 9 3.39 0.85 -6.75
N LEU A 10 2.89 -0.22 -6.13
CA LEU A 10 3.31 -1.59 -6.41
C LEU A 10 2.41 -2.19 -7.50
N ALA A 11 3.00 -2.51 -8.65
CA ALA A 11 2.26 -3.09 -9.78
C ALA A 11 3.07 -4.15 -10.54
N GLY A 12 3.87 -4.93 -9.80
CA GLY A 12 4.76 -5.94 -10.38
C GLY A 12 4.75 -7.24 -9.59
N MET A 22 -3.17 -12.03 -18.46
CA MET A 22 -2.87 -10.63 -18.16
C MET A 22 -2.92 -10.40 -16.64
N PRO A 23 -1.90 -9.73 -16.06
CA PRO A 23 -1.87 -9.45 -14.61
C PRO A 23 -3.17 -8.82 -14.09
N LYS A 24 -3.59 -9.22 -12.90
CA LYS A 24 -4.91 -8.81 -12.38
C LYS A 24 -5.05 -7.30 -12.17
N GLN A 25 -3.93 -6.60 -11.98
CA GLN A 25 -3.93 -5.13 -11.77
C GLN A 25 -4.02 -4.29 -13.06
N TYR A 26 -3.94 -4.93 -14.23
CA TYR A 26 -4.19 -4.26 -15.51
C TYR A 26 -5.50 -4.67 -16.19
N ILE A 27 -6.22 -5.61 -15.58
CA ILE A 27 -7.57 -5.98 -16.01
C ILE A 27 -8.47 -4.74 -15.90
N PRO A 28 -9.09 -4.32 -17.02
CA PRO A 28 -9.95 -3.14 -16.95
C PRO A 28 -11.16 -3.19 -16.03
N LEU A 29 -11.36 -2.06 -15.37
CA LEU A 29 -12.53 -1.80 -14.55
C LEU A 29 -13.18 -0.58 -15.19
N LEU A 30 -14.41 -0.74 -15.69
CA LEU A 30 -15.06 0.27 -16.54
C LEU A 30 -14.09 0.79 -17.61
N GLY A 31 -13.45 -0.16 -18.29
CA GLY A 31 -12.48 0.15 -19.34
C GLY A 31 -11.35 1.10 -18.96
N GLN A 32 -10.78 0.86 -17.79
CA GLN A 32 -9.51 1.48 -17.40
C GLN A 32 -8.76 0.46 -16.57
N PRO A 33 -7.47 0.20 -16.87
CA PRO A 33 -6.67 -0.74 -16.08
C PRO A 33 -6.75 -0.39 -14.59
N ILE A 34 -6.98 -1.42 -13.77
CA ILE A 34 -7.16 -1.27 -12.32
C ILE A 34 -6.06 -0.41 -11.64
N ALA A 35 -4.82 -0.57 -12.08
CA ALA A 35 -3.70 0.18 -11.53
C ALA A 35 -3.78 1.72 -11.69
N LEU A 36 -4.49 2.20 -12.70
CA LEU A 36 -4.59 3.65 -12.93
C LEU A 36 -5.55 4.36 -11.96
N TYR A 37 -6.51 3.64 -11.39
CA TYR A 37 -7.45 4.25 -10.44
C TYR A 37 -6.74 4.87 -9.24
N SER A 38 -6.01 4.05 -8.49
CA SER A 38 -5.24 4.54 -7.34
C SER A 38 -4.17 5.55 -7.78
N PHE A 39 -3.52 5.25 -8.90
CA PHE A 39 -2.52 6.13 -9.51
C PHE A 39 -3.04 7.57 -9.69
N PHE A 40 -4.23 7.70 -10.27
CA PHE A 40 -4.84 9.02 -10.46
C PHE A 40 -5.28 9.64 -9.14
N THR A 41 -5.80 8.83 -8.22
CA THR A 41 -6.19 9.31 -6.90
C THR A 41 -5.03 10.01 -6.19
N PHE A 42 -3.84 9.40 -6.22
CA PHE A 42 -2.64 10.00 -5.61
C PHE A 42 -2.18 11.25 -6.34
N SER A 43 -2.23 11.19 -7.67
CA SER A 43 -1.80 12.31 -8.53
C SER A 43 -2.57 13.60 -8.28
N ARG A 44 -3.85 13.49 -7.93
CA ARG A 44 -4.71 14.66 -7.63
C ARG A 44 -4.52 15.31 -6.25
N MET A 45 -3.79 14.65 -5.35
CA MET A 45 -3.64 15.13 -3.99
C MET A 45 -2.45 16.08 -3.91
N PRO A 46 -2.66 17.33 -3.43
CA PRO A 46 -1.59 18.34 -3.24
C PRO A 46 -0.37 17.87 -2.43
N GLU A 47 -0.58 16.95 -1.49
CA GLU A 47 0.52 16.42 -0.67
C GLU A 47 1.53 15.56 -1.46
N VAL A 48 1.11 14.94 -2.56
CA VAL A 48 1.94 14.00 -3.30
C VAL A 48 2.85 14.72 -4.27
N LYS A 49 4.16 14.66 -4.05
CA LYS A 49 5.15 15.22 -4.97
C LYS A 49 5.39 14.30 -6.14
N GLU A 50 5.53 13.00 -5.87
CA GLU A 50 5.94 12.04 -6.87
C GLU A 50 5.33 10.67 -6.65
N ILE A 51 5.27 9.92 -7.73
CA ILE A 51 4.83 8.53 -7.71
C ILE A 51 5.93 7.71 -8.37
N VAL A 52 6.56 6.84 -7.58
CA VAL A 52 7.51 5.87 -8.09
C VAL A 52 6.71 4.62 -8.38
N VAL A 53 6.52 4.32 -9.67
CA VAL A 53 5.80 3.12 -10.08
C VAL A 53 6.76 1.94 -10.17
N VAL A 54 6.33 0.81 -9.61
CA VAL A 54 7.09 -0.43 -9.61
C VAL A 54 6.35 -1.41 -10.50
N CYS A 55 6.88 -1.65 -11.70
CA CYS A 55 6.25 -2.52 -12.69
C CYS A 55 7.30 -3.05 -13.67
N ASP A 56 6.97 -4.13 -14.35
CA ASP A 56 7.82 -4.62 -15.44
C ASP A 56 7.83 -3.56 -16.54
N PRO A 57 9.02 -3.28 -17.15
CA PRO A 57 9.10 -2.28 -18.23
C PRO A 57 8.10 -2.43 -19.41
N PHE A 58 7.60 -3.65 -19.62
CA PHE A 58 6.48 -3.92 -20.55
C PHE A 58 5.29 -2.97 -20.34
N PHE A 59 4.86 -2.83 -19.08
CA PHE A 59 3.66 -2.04 -18.73
C PHE A 59 3.89 -0.56 -18.41
N ARG A 60 5.11 -0.04 -18.56
CA ARG A 60 5.41 1.37 -18.27
C ARG A 60 4.53 2.36 -19.03
N ASP A 61 4.26 2.05 -20.30
CA ASP A 61 3.40 2.87 -21.19
C ASP A 61 2.05 3.23 -20.57
N ILE A 62 1.47 2.30 -19.81
CA ILE A 62 0.15 2.49 -19.21
C ILE A 62 0.08 3.72 -18.30
N PHE A 63 1.18 3.97 -17.57
CA PHE A 63 1.33 5.14 -16.69
C PHE A 63 1.97 6.31 -17.44
N GLU A 64 2.97 6.00 -18.26
CA GLU A 64 3.70 6.98 -19.07
C GLU A 64 2.80 7.91 -19.92
N GLU A 65 1.70 7.37 -20.44
CA GLU A 65 0.76 8.14 -21.27
C GLU A 65 0.27 9.42 -20.58
N TYR A 66 0.05 9.37 -19.28
CA TYR A 66 -0.56 10.48 -18.55
C TYR A 66 0.42 11.39 -17.80
N GLU A 67 1.72 11.28 -18.06
CA GLU A 67 2.74 12.04 -17.32
C GLU A 67 2.51 13.56 -17.40
N GLU A 68 2.17 14.06 -18.58
CA GLU A 68 2.01 15.49 -18.79
C GLU A 68 0.75 16.07 -18.14
N SER A 69 -0.31 15.26 -18.06
CA SER A 69 -1.58 15.68 -17.44
C SER A 69 -1.47 15.82 -15.93
N ILE A 70 -1.01 14.76 -15.28
CA ILE A 70 -0.96 14.67 -13.82
C ILE A 70 0.02 15.64 -13.20
N ASP A 71 -0.28 16.12 -11.98
CA ASP A 71 0.52 17.13 -11.31
C ASP A 71 1.49 16.49 -10.29
N VAL A 72 2.20 15.44 -10.71
CA VAL A 72 3.30 14.83 -9.94
C VAL A 72 4.51 14.62 -10.85
N ASP A 73 5.69 14.50 -10.27
CA ASP A 73 6.86 13.97 -10.99
C ASP A 73 6.74 12.45 -10.99
N LEU A 74 6.86 11.82 -12.15
CA LEU A 74 6.72 10.37 -12.25
C LEU A 74 8.10 9.71 -12.27
N SER A 75 8.18 8.52 -11.69
CA SER A 75 9.41 7.74 -11.68
C SER A 75 9.08 6.26 -11.80
N PHE A 76 10.10 5.48 -12.17
CA PHE A 76 9.98 4.05 -12.32
C PHE A 76 11.08 3.32 -11.57
N ALA A 77 10.76 2.11 -11.14
CA ALA A 77 11.73 1.27 -10.44
C ALA A 77 11.50 -0.17 -10.83
N ILE A 78 12.56 -0.96 -10.79
CA ILE A 78 12.50 -2.36 -11.21
C ILE A 78 11.92 -3.22 -10.08
N PRO A 79 10.95 -4.11 -10.39
CA PRO A 79 10.43 -5.01 -9.34
C PRO A 79 11.45 -6.03 -8.84
N GLY A 80 11.14 -6.67 -7.72
CA GLY A 80 12.00 -7.72 -7.15
C GLY A 80 11.28 -9.05 -7.08
N LYS A 81 12.00 -10.07 -6.64
CA LYS A 81 11.44 -11.43 -6.52
C LYS A 81 10.29 -11.45 -5.53
N GLU A 82 10.41 -10.68 -4.45
CA GLU A 82 9.34 -10.58 -3.47
C GLU A 82 8.88 -9.16 -3.22
N ARG A 83 7.74 -9.06 -2.55
CA ARG A 83 7.01 -7.83 -2.36
C ARG A 83 7.85 -6.75 -1.66
N GLN A 84 8.60 -7.14 -0.63
CA GLN A 84 9.51 -6.20 0.05
C GLN A 84 10.74 -5.79 -0.77
N ASP A 85 11.16 -6.66 -1.68
CA ASP A 85 12.24 -6.32 -2.64
C ASP A 85 11.82 -5.20 -3.58
N SER A 86 10.55 -5.26 -4.02
CA SER A 86 9.96 -4.21 -4.88
C SER A 86 9.87 -2.87 -4.15
N VAL A 87 9.42 -2.92 -2.89
CA VAL A 87 9.33 -1.73 -2.05
C VAL A 87 10.72 -1.12 -1.89
N TYR A 88 11.73 -1.96 -1.61
CA TYR A 88 13.11 -1.48 -1.50
C TYR A 88 13.60 -0.82 -2.80
N SER A 89 13.28 -1.40 -3.95
CA SER A 89 13.63 -0.80 -5.24
C SER A 89 12.93 0.54 -5.44
N GLY A 90 11.62 0.56 -5.18
CA GLY A 90 10.85 1.80 -5.15
C GLY A 90 11.44 2.86 -4.24
N LEU A 91 11.86 2.45 -3.04
CA LEU A 91 12.45 3.37 -2.06
C LEU A 91 13.72 4.07 -2.54
N GLN A 92 14.52 3.39 -3.36
CA GLN A 92 15.77 3.98 -3.86
C GLN A 92 15.57 5.16 -4.84
N GLU A 93 14.35 5.38 -5.34
CA GLU A 93 14.08 6.49 -6.27
C GLU A 93 13.55 7.81 -5.69
N ILE A 94 13.00 7.80 -4.48
CA ILE A 94 12.25 8.97 -3.95
C ILE A 94 13.10 10.24 -3.75
N ASP A 95 12.47 11.44 -3.73
CA ASP A 95 13.14 12.78 -3.56
C ASP A 95 13.87 12.65 -2.23
N VAL A 96 15.10 13.16 -2.19
CA VAL A 96 15.95 13.04 -1.00
C VAL A 96 15.38 13.78 0.24
N ASN A 97 14.40 14.66 0.01
CA ASN A 97 13.75 15.45 1.04
C ASN A 97 12.28 15.06 1.29
N SER A 98 11.83 13.93 0.75
CA SER A 98 10.45 13.49 0.97
C SER A 98 10.27 13.23 2.45
N GLU A 99 9.12 13.62 2.99
CA GLU A 99 8.84 13.53 4.43
C GLU A 99 8.06 12.24 4.79
N LEU A 100 7.37 11.65 3.81
CA LEU A 100 6.64 10.41 3.98
C LEU A 100 6.70 9.56 2.73
N VAL A 101 6.70 8.24 2.93
CA VAL A 101 6.61 7.28 1.83
C VAL A 101 5.26 6.61 1.97
N CYS A 102 4.47 6.64 0.91
CA CYS A 102 3.10 6.11 0.90
C CYS A 102 3.07 4.90 -0.03
N ILE A 103 3.11 3.70 0.56
CA ILE A 103 3.22 2.46 -0.22
C ILE A 103 1.85 1.86 -0.47
N HIS A 104 1.50 1.68 -1.74
CA HIS A 104 0.17 1.22 -2.11
C HIS A 104 0.22 0.06 -3.09
N ASP A 105 -0.72 -0.87 -2.90
CA ASP A 105 -0.90 -2.00 -3.80
C ASP A 105 -1.94 -1.61 -4.86
N SER A 106 -1.52 -1.63 -6.12
CA SER A 106 -2.37 -1.23 -7.25
C SER A 106 -3.63 -2.09 -7.45
N ALA A 107 -3.64 -3.29 -6.87
CA ALA A 107 -4.83 -4.14 -6.87
C ALA A 107 -5.95 -3.63 -5.95
N ARG A 108 -5.72 -2.52 -5.23
CA ARG A 108 -6.77 -1.83 -4.48
C ARG A 108 -7.10 -0.51 -5.18
N PRO A 109 -7.96 -0.54 -6.22
CA PRO A 109 -8.24 0.66 -6.99
C PRO A 109 -9.21 1.63 -6.32
N LEU A 110 -10.08 1.13 -5.44
CA LEU A 110 -11.14 1.93 -4.85
C LEU A 110 -10.78 2.74 -3.61
N VAL A 111 -9.50 2.86 -3.25
CA VAL A 111 -9.11 3.64 -2.08
C VAL A 111 -9.61 5.10 -2.18
N ASN A 112 -10.29 5.58 -1.13
CA ASN A 112 -10.86 6.94 -1.08
C ASN A 112 -9.79 7.99 -0.83
N THR A 113 -9.90 9.13 -1.50
CA THR A 113 -9.08 10.31 -1.21
C THR A 113 -9.09 10.64 0.29
N GLU A 114 -10.27 10.60 0.89
CA GLU A 114 -10.45 10.92 2.32
C GLU A 114 -9.67 9.95 3.23
N ASP A 115 -9.61 8.68 2.85
CA ASP A 115 -8.90 7.67 3.63
C ASP A 115 -7.37 7.77 3.44
N VAL A 116 -6.93 8.10 2.23
CA VAL A 116 -5.51 8.38 1.97
C VAL A 116 -5.08 9.60 2.82
N GLU A 117 -5.89 10.66 2.84
CA GLU A 117 -5.62 11.85 3.69
C GLU A 117 -5.44 11.51 5.17
N LYS A 118 -6.32 10.62 5.65
CA LYS A 118 -6.30 10.17 7.03
C LYS A 118 -5.00 9.42 7.38
N VAL A 119 -4.65 8.43 6.57
CA VAL A 119 -3.45 7.64 6.83
C VAL A 119 -2.17 8.48 6.59
N LEU A 120 -2.21 9.41 5.64
CA LEU A 120 -1.10 10.36 5.51
C LEU A 120 -0.90 11.18 6.79
N LYS A 121 -1.99 11.71 7.36
CA LYS A 121 -1.89 12.49 8.60
C LYS A 121 -1.37 11.64 9.77
N ASP A 122 -1.88 10.42 9.88
CA ASP A 122 -1.52 9.54 10.98
C ASP A 122 -0.06 9.10 10.85
N GLY A 123 0.34 8.78 9.62
CA GLY A 123 1.74 8.50 9.32
C GLY A 123 2.66 9.65 9.69
N SER A 124 2.23 10.87 9.38
CA SER A 124 3.01 12.07 9.73
C SER A 124 3.11 12.27 11.24
N ALA A 125 2.01 12.01 11.97
CA ALA A 125 2.01 12.17 13.42
C ALA A 125 2.78 11.06 14.15
N VAL A 126 2.60 9.81 13.73
CA VAL A 126 3.12 8.65 14.46
C VAL A 126 4.48 8.14 13.94
N GLY A 127 4.74 8.36 12.66
CA GLY A 127 5.90 7.82 11.95
C GLY A 127 5.56 6.67 11.03
N ALA A 128 4.56 5.88 11.42
CA ALA A 128 4.09 4.79 10.61
C ALA A 128 2.60 4.60 10.83
N ALA A 129 1.88 4.34 9.74
CA ALA A 129 0.44 4.13 9.79
C ALA A 129 -0.01 3.30 8.62
N VAL A 130 -1.15 2.63 8.82
CA VAL A 130 -1.70 1.76 7.81
C VAL A 130 -3.23 1.83 7.89
N LEU A 131 -3.88 1.81 6.73
CA LEU A 131 -5.32 1.74 6.67
C LEU A 131 -5.76 0.33 7.03
N GLY A 132 -6.73 0.23 7.93
CA GLY A 132 -7.34 -1.05 8.24
C GLY A 132 -8.79 -0.92 8.60
N VAL A 133 -9.48 -2.06 8.58
CA VAL A 133 -10.89 -2.16 8.95
C VAL A 133 -11.09 -3.33 9.91
N PRO A 134 -12.07 -3.24 10.83
CA PRO A 134 -12.29 -4.36 11.74
C PRO A 134 -12.47 -5.68 11.00
N ALA A 135 -11.77 -6.71 11.45
CA ALA A 135 -11.92 -8.04 10.88
C ALA A 135 -13.34 -8.50 11.15
N LYS A 136 -14.08 -8.81 10.08
CA LYS A 136 -15.50 -9.12 10.19
C LYS A 136 -15.75 -10.50 10.78
N ALA A 137 -15.07 -11.50 10.22
CA ALA A 137 -15.28 -12.89 10.65
C ALA A 137 -14.85 -13.12 12.09
N THR A 138 -15.44 -14.15 12.70
CA THR A 138 -15.03 -14.63 14.00
C THR A 138 -13.71 -15.34 13.79
N ILE A 139 -12.64 -14.73 14.26
CA ILE A 139 -11.30 -15.29 14.15
C ILE A 139 -10.94 -15.87 15.50
N LYS A 140 -10.16 -16.94 15.50
CA LYS A 140 -9.70 -17.56 16.73
C LYS A 140 -8.25 -17.98 16.61
N GLU A 141 -7.56 -17.95 17.73
CA GLU A 141 -6.18 -18.40 17.81
C GLU A 141 -6.20 -19.91 17.95
N VAL A 142 -5.43 -20.60 17.11
CA VAL A 142 -5.38 -22.05 17.10
C VAL A 142 -3.93 -22.48 17.21
N ASN A 143 -3.67 -23.50 18.03
CA ASN A 143 -2.32 -24.02 18.28
C ASN A 143 -1.97 -25.17 17.34
N SER A 144 -0.76 -25.71 17.48
CA SER A 144 -0.27 -26.83 16.65
C SER A 144 -1.09 -28.11 16.74
N ASP A 145 -1.90 -28.27 17.79
CA ASP A 145 -2.83 -29.41 17.88
C ASP A 145 -4.26 -29.09 17.42
N SER A 146 -4.42 -28.00 16.67
CA SER A 146 -5.70 -27.57 16.07
C SER A 146 -6.80 -27.23 17.09
N LEU A 147 -6.40 -26.92 18.32
CA LEU A 147 -7.33 -26.58 19.39
C LEU A 147 -7.37 -25.08 19.53
N VAL A 148 -8.56 -24.55 19.80
CA VAL A 148 -8.73 -23.13 20.04
C VAL A 148 -7.98 -22.78 21.32
N VAL A 149 -7.07 -21.82 21.22
CA VAL A 149 -6.29 -21.33 22.37
C VAL A 149 -7.15 -20.33 23.14
N LYS A 150 -7.66 -19.35 22.41
CA LYS A 150 -8.65 -18.42 22.93
C LYS A 150 -9.37 -17.72 21.77
N THR A 151 -10.52 -17.14 22.05
CA THR A 151 -11.23 -16.31 21.07
C THR A 151 -10.70 -14.88 21.23
N LEU A 152 -10.08 -14.35 20.18
CA LEU A 152 -9.52 -13.00 20.24
C LEU A 152 -10.61 -11.96 20.27
N ASP A 153 -10.37 -10.90 21.05
CA ASP A 153 -11.38 -9.88 21.30
C ASP A 153 -11.75 -9.20 19.99
N ARG A 154 -13.03 -8.95 19.80
CA ARG A 154 -13.56 -8.49 18.51
C ARG A 154 -13.20 -7.03 18.19
N LYS A 155 -12.95 -6.24 19.23
CA LYS A 155 -12.44 -4.86 19.08
C LYS A 155 -10.99 -4.91 18.62
N THR A 156 -10.28 -5.97 19.04
CA THR A 156 -8.83 -6.05 18.97
C THR A 156 -8.28 -6.44 17.59
N LEU A 157 -9.10 -7.05 16.72
CA LEU A 157 -8.62 -7.53 15.40
C LEU A 157 -9.05 -6.65 14.21
N TRP A 158 -8.08 -6.38 13.33
CA TRP A 158 -8.24 -5.49 12.18
C TRP A 158 -7.55 -6.08 10.95
N GLU A 159 -8.22 -6.03 9.80
CA GLU A 159 -7.62 -6.38 8.51
C GLU A 159 -6.81 -5.20 8.01
N MET A 160 -5.60 -5.47 7.52
CA MET A 160 -4.72 -4.44 7.00
C MET A 160 -4.93 -4.26 5.50
N GLN A 161 -5.06 -3.01 5.08
CA GLN A 161 -5.14 -2.66 3.64
C GLN A 161 -3.86 -1.89 3.30
N THR A 162 -3.89 -1.15 2.20
CA THR A 162 -2.87 -0.14 1.87
C THR A 162 -3.64 1.12 1.47
N PRO A 163 -3.00 2.30 1.51
CA PRO A 163 -1.61 2.58 1.80
C PRO A 163 -1.09 2.21 3.18
N GLN A 164 0.20 1.94 3.22
CA GLN A 164 0.98 1.91 4.44
C GLN A 164 1.95 3.09 4.31
N VAL A 165 1.89 4.00 5.27
CA VAL A 165 2.63 5.27 5.24
C VAL A 165 3.71 5.30 6.30
N ILE A 166 4.95 5.52 5.88
CA ILE A 166 6.11 5.43 6.78
C ILE A 166 7.12 6.53 6.46
N LYS A 167 7.65 7.16 7.50
CA LYS A 167 8.75 8.12 7.34
C LYS A 167 9.97 7.41 6.71
N PRO A 168 10.61 8.04 5.72
CA PRO A 168 11.65 7.36 4.96
C PRO A 168 12.81 6.88 5.82
N GLU A 169 13.27 7.72 6.75
CA GLU A 169 14.36 7.36 7.68
C GLU A 169 14.02 6.08 8.48
N LEU A 170 12.77 6.00 8.91
CA LEU A 170 12.27 4.85 9.63
C LEU A 170 12.29 3.60 8.77
N LEU A 171 11.79 3.72 7.53
CA LEU A 171 11.75 2.60 6.61
C LEU A 171 13.16 2.11 6.24
N LYS A 172 14.06 3.05 5.96
CA LYS A 172 15.46 2.72 5.63
C LYS A 172 16.15 2.00 6.78
N LYS A 173 16.02 2.57 7.97
CA LYS A 173 16.57 1.96 9.19
C LYS A 173 15.97 0.55 9.38
N GLY A 174 14.66 0.43 9.12
CA GLY A 174 13.98 -0.86 9.21
C GLY A 174 14.50 -1.90 8.22
N PHE A 175 14.81 -1.46 7.00
CA PHE A 175 15.40 -2.32 5.97
C PHE A 175 16.82 -2.77 6.34
N GLU A 176 17.58 -1.89 7.01
CA GLU A 176 18.92 -2.23 7.52
C GLU A 176 18.89 -3.35 8.56
N LEU A 177 17.88 -3.33 9.43
CA LEU A 177 17.71 -4.38 10.44
C LEU A 177 17.32 -5.72 9.80
N VAL A 178 16.35 -5.69 8.89
CA VAL A 178 15.87 -6.91 8.22
C VAL A 178 16.99 -7.62 7.47
N LYS A 179 17.76 -6.87 6.69
CA LYS A 179 18.88 -7.42 5.93
C LYS A 179 20.03 -7.93 6.81
N SER A 180 20.38 -7.16 7.84
CA SER A 180 21.48 -7.53 8.75
C SER A 180 21.23 -8.82 9.55
N GLU A 181 19.96 -9.13 9.80
CA GLU A 181 19.59 -10.32 10.58
C GLU A 181 18.64 -11.27 9.85
N GLY A 182 18.68 -11.28 8.50
CA GLY A 182 17.86 -12.18 7.67
C GLY A 182 16.43 -12.41 8.13
N LEU A 183 15.77 -11.31 8.51
CA LEU A 183 14.49 -11.33 9.21
C LEU A 183 13.33 -11.46 8.19
N ALA A 184 12.19 -11.97 8.66
CA ALA A 184 11.02 -12.23 7.78
C ALA A 184 10.00 -11.10 7.83
N VAL A 185 9.28 -10.89 6.73
CA VAL A 185 8.32 -9.78 6.58
C VAL A 185 7.01 -10.18 5.90
N THR A 186 5.90 -9.68 6.42
CA THR A 186 4.59 -9.76 5.75
C THR A 186 4.40 -8.49 4.95
N ASP A 187 4.31 -7.38 5.69
CA ASP A 187 3.95 -6.08 5.13
C ASP A 187 4.98 -5.02 5.57
N ASP A 188 4.84 -3.82 5.04
CA ASP A 188 5.82 -2.73 5.28
C ASP A 188 5.88 -2.34 6.76
N VAL A 189 4.72 -2.32 7.42
CA VAL A 189 4.64 -1.91 8.81
C VAL A 189 5.22 -2.97 9.77
N SER A 190 5.26 -4.25 9.34
CA SER A 190 5.94 -5.30 10.10
C SER A 190 7.43 -4.99 10.27
N ILE A 191 8.01 -4.35 9.24
CA ILE A 191 9.41 -3.87 9.30
C ILE A 191 9.57 -2.85 10.43
N VAL A 192 8.62 -1.92 10.51
CA VAL A 192 8.60 -0.90 11.55
C VAL A 192 8.37 -1.52 12.94
N GLU A 193 7.55 -2.58 13.00
CA GLU A 193 7.30 -3.29 14.27
C GLU A 193 8.58 -3.87 14.88
N TYR A 194 9.47 -4.41 14.05
CA TYR A 194 10.78 -4.86 14.51
C TYR A 194 11.57 -3.75 15.21
N LEU A 195 11.38 -2.49 14.78
CA LEU A 195 12.08 -1.36 15.37
C LEU A 195 11.56 -0.91 16.74
N LYS A 196 10.42 -1.47 17.18
CA LYS A 196 9.70 -1.00 18.38
C LYS A 196 9.19 0.43 18.25
N HIS A 197 9.04 0.89 17.01
CA HIS A 197 8.46 2.19 16.73
C HIS A 197 6.98 1.94 16.47
N PRO A 198 6.09 2.83 16.98
CA PRO A 198 4.65 2.57 16.84
C PRO A 198 4.11 2.64 15.41
N VAL A 199 3.08 1.82 15.17
CA VAL A 199 2.35 1.76 13.93
C VAL A 199 0.87 2.03 14.23
N TYR A 200 0.36 3.16 13.75
CA TYR A 200 -1.05 3.53 13.92
C TYR A 200 -1.91 2.87 12.86
N VAL A 201 -3.06 2.33 13.27
CA VAL A 201 -4.04 1.79 12.34
C VAL A 201 -5.13 2.86 12.15
N SER A 202 -5.18 3.38 10.93
CA SER A 202 -6.12 4.42 10.55
C SER A 202 -7.35 3.70 10.07
N GLN A 203 -8.51 4.05 10.61
CA GLN A 203 -9.73 3.36 10.21
C GLN A 203 -10.14 3.75 8.79
N GLY A 204 -10.13 2.76 7.90
CA GLY A 204 -10.49 2.93 6.50
C GLY A 204 -11.90 2.45 6.20
N SER A 205 -12.11 2.03 4.96
CA SER A 205 -13.43 1.64 4.45
C SER A 205 -13.40 0.21 3.91
N TYR A 206 -14.46 -0.55 4.20
CA TYR A 206 -14.58 -1.93 3.68
C TYR A 206 -14.58 -1.97 2.15
N THR A 207 -15.01 -0.89 1.52
CA THR A 207 -14.97 -0.75 0.06
C THR A 207 -13.57 -0.79 -0.55
N ASN A 208 -12.52 -0.48 0.22
CA ASN A 208 -11.14 -0.51 -0.28
C ASN A 208 -10.65 -1.96 -0.40
N ILE A 209 -11.30 -2.71 -1.29
CA ILE A 209 -11.02 -4.12 -1.47
C ILE A 209 -9.84 -4.31 -2.41
N LYS A 210 -9.26 -5.51 -2.34
CA LYS A 210 -8.24 -5.95 -3.27
C LYS A 210 -8.94 -6.77 -4.35
N VAL A 211 -8.73 -6.42 -5.62
CA VAL A 211 -9.38 -7.10 -6.74
C VAL A 211 -8.48 -8.21 -7.29
N THR A 212 -8.91 -9.45 -7.08
CA THR A 212 -8.17 -10.64 -7.52
C THR A 212 -9.00 -11.59 -8.38
N THR A 213 -10.18 -11.96 -7.88
CA THR A 213 -11.10 -12.86 -8.58
C THR A 213 -12.05 -12.07 -9.51
N PRO A 214 -12.80 -12.79 -10.39
CA PRO A 214 -13.90 -12.13 -11.13
C PRO A 214 -15.03 -11.60 -10.25
N ASP A 215 -15.26 -12.22 -9.10
CA ASP A 215 -16.29 -11.78 -8.16
C ASP A 215 -15.89 -10.47 -7.46
N ASP A 216 -14.59 -10.31 -7.20
CA ASP A 216 -14.05 -9.02 -6.74
C ASP A 216 -14.21 -7.97 -7.82
N LEU A 217 -13.84 -8.33 -9.06
CA LEU A 217 -13.93 -7.41 -10.18
C LEU A 217 -15.36 -6.89 -10.35
N LEU A 218 -16.34 -7.80 -10.26
CA LEU A 218 -17.75 -7.42 -10.27
C LEU A 218 -18.12 -6.54 -9.08
N LEU A 219 -17.56 -6.87 -7.92
CA LEU A 219 -17.76 -6.08 -6.71
C LEU A 219 -17.27 -4.64 -6.90
N ALA A 220 -16.07 -4.49 -7.47
CA ALA A 220 -15.51 -3.15 -7.76
C ALA A 220 -16.47 -2.28 -8.54
N GLU A 221 -17.04 -2.85 -9.60
CA GLU A 221 -18.01 -2.17 -10.45
C GLU A 221 -19.25 -1.76 -9.65
N ARG A 222 -19.78 -2.68 -8.84
CA ARG A 222 -20.96 -2.38 -8.02
C ARG A 222 -20.73 -1.26 -6.99
N ILE A 223 -19.50 -1.15 -6.47
CA ILE A 223 -19.13 -0.01 -5.60
C ILE A 223 -18.98 1.26 -6.45
N LEU A 224 -18.35 1.14 -7.62
CA LEU A 224 -18.28 2.26 -8.58
C LEU A 224 -19.64 2.52 -9.26
N SER A 225 -20.67 2.81 -8.46
CA SER A 225 -22.05 2.95 -8.95
C SER A 225 -22.98 3.57 -7.91
K K B . -10.02 -11.88 -2.71
K K C . -0.31 16.35 -6.68
CD CD D . 8.39 9.95 -18.84
CD CD E . 18.43 5.84 -9.17
CD CD F . -4.84 17.32 1.45
#